data_4RY3
#
_entry.id   4RY3
#
_cell.length_a   161.082
_cell.length_b   161.082
_cell.length_c   161.082
_cell.angle_alpha   90.00
_cell.angle_beta   90.00
_cell.angle_gamma   90.00
#
_symmetry.space_group_name_H-M   'P 21 3'
#
loop_
_entity.id
_entity.type
_entity.pdbx_description
1 polymer 'Fanconi-associated nuclease 1'
2 non-polymer 'PLATINUM (II) ION'
#
_entity_poly.entity_id   1
_entity_poly.type   'polypeptide(L)'
_entity_poly.pdbx_seq_one_letter_code
;GHPYYLRSFLVVLKTVLENEDDMLLFDEQEKGIVTKFYQLSATGQKLYVRLFQRKLSWIKMTKLEYEEIALDLTPVIEEL
TNAGFLQTESELQELSEVLELLSAPELKSLAKTFHLVNPNGQKQQLVDAFLKLAKQRSVCTWGKNKPGIGAVILKRAKAL
AGQSVRICKGPRAVFSRILLLFSLTDSMEDEDAACGGQGQLSTVLLVNLGRMEFPSYTINRKTHIFQDRDDLIRYAAATH
MLSDISSAMANGNWEEAKELAQCAKRDWNRLKNHPSLRCHEDLPLFLRCFTVGWIYTRILSRFVEILQRLHMYEEAVREL
ESLLSQRIYCPDSRGRWWDRLALNLHQHLKRLEPTIKCITEGLADPEVRTGHRLSLYQRAVRLRESPSCKKFKHLFQQLP
EMAVQDVKHVTITGRLCPQRGMCKSVFVMEAGEAADPTTVLCSVEELALAHYRRSGFDQGIHGEGSTFSTLYGLLLWDII
FMDGIPDVFRNACQAFPLDLCTDSFFTSRRPALEARLQLIHDAPEESLRAWVAATWHEQEGRVASLVSWDRFTSLQQAQD
LVSCLGGPVLSGVCRHLAADFRHCRGGLPDLVVWNSQSRHFKLVEVKGPNDRLSHKQMIWLAELQKLGAEVEVCHVVAVG
GSENLYFQ
;
_entity_poly.pdbx_strand_id   A
#
loop_
_chem_comp.id
_chem_comp.type
_chem_comp.name
_chem_comp.formula
PT non-polymer 'PLATINUM (II) ION' 'Pt 2'
#
# COMPACT_ATOMS: atom_id res chain seq x y z
N GLY A 1 15.40 25.23 -4.78
CA GLY A 1 15.52 23.89 -4.24
C GLY A 1 14.70 22.87 -5.01
N HIS A 2 15.32 22.26 -6.01
CA HIS A 2 14.66 21.21 -6.79
C HIS A 2 14.67 19.79 -6.17
N PRO A 3 15.19 19.66 -4.94
CA PRO A 3 14.65 18.57 -4.11
C PRO A 3 13.69 19.12 -3.04
N TYR A 4 12.85 18.27 -2.47
CA TYR A 4 11.93 18.67 -1.39
C TYR A 4 12.33 18.02 -0.06
N TYR A 5 13.51 17.41 -0.02
CA TYR A 5 13.95 16.57 1.09
C TYR A 5 13.85 17.21 2.47
N LEU A 6 14.60 18.29 2.67
CA LEU A 6 14.64 18.95 3.96
C LEU A 6 13.27 19.51 4.30
N ARG A 7 12.62 20.12 3.32
CA ARG A 7 11.32 20.69 3.52
C ARG A 7 10.34 19.68 4.08
N SER A 8 10.23 18.52 3.43
CA SER A 8 9.30 17.49 3.89
C SER A 8 9.74 16.92 5.22
N PHE A 9 11.04 16.78 5.38
CA PHE A 9 11.56 16.19 6.60
C PHE A 9 11.20 17.09 7.78
N LEU A 10 11.38 18.40 7.61
CA LEU A 10 11.07 19.37 8.66
C LEU A 10 9.58 19.38 9.03
N VAL A 11 8.75 19.22 8.02
CA VAL A 11 7.32 19.07 8.25
C VAL A 11 6.99 17.77 9.01
N VAL A 12 7.66 16.68 8.62
CA VAL A 12 7.51 15.43 9.37
C VAL A 12 7.85 15.61 10.84
N LEU A 13 9.01 16.22 11.13
CA LEU A 13 9.41 16.47 12.52
C LEU A 13 8.39 17.32 13.30
N LYS A 14 8.02 18.47 12.72
CA LYS A 14 6.99 19.32 13.28
C LYS A 14 5.73 18.53 13.61
N THR A 15 5.25 17.73 12.66
CA THR A 15 4.03 16.98 12.89
C THR A 15 4.16 16.03 14.07
N VAL A 16 5.24 15.27 14.12
CA VAL A 16 5.45 14.32 15.18
C VAL A 16 5.78 14.95 16.56
N LEU A 17 6.63 15.97 16.58
CA LEU A 17 7.00 16.61 17.85
C LEU A 17 5.80 17.27 18.56
N GLU A 18 4.80 17.70 17.79
CA GLU A 18 3.58 18.30 18.34
C GLU A 18 2.90 17.44 19.38
N ASN A 19 2.97 16.12 19.23
CA ASN A 19 2.26 15.23 20.14
C ASN A 19 3.17 14.74 21.24
N GLU A 20 3.03 15.29 22.43
CA GLU A 20 3.93 14.97 23.53
C GLU A 20 3.77 13.51 24.00
N ASP A 21 2.66 12.88 23.64
CA ASP A 21 2.47 11.46 23.96
C ASP A 21 3.49 10.63 23.16
N ASP A 22 3.65 10.98 21.88
CA ASP A 22 4.58 10.32 20.98
C ASP A 22 6.03 10.50 21.40
N MET A 23 6.36 11.68 21.92
CA MET A 23 7.75 11.98 22.23
C MET A 23 8.25 11.26 23.46
N LEU A 24 7.33 10.78 24.27
CA LEU A 24 7.67 9.91 25.39
C LEU A 24 8.06 8.51 24.94
N LEU A 25 8.01 8.25 23.63
CA LEU A 25 8.42 6.96 23.11
C LEU A 25 9.92 6.94 22.77
N PHE A 26 10.58 8.08 23.01
CA PHE A 26 12.00 8.25 22.82
C PHE A 26 12.66 8.64 24.13
N ASP A 27 13.88 8.16 24.38
CA ASP A 27 14.59 8.59 25.58
C ASP A 27 15.23 9.97 25.40
N GLU A 28 15.96 10.44 26.40
CA GLU A 28 16.55 11.78 26.32
C GLU A 28 17.68 11.83 25.28
N GLN A 29 18.43 10.75 25.17
CA GLN A 29 19.54 10.70 24.25
C GLN A 29 19.00 10.74 22.82
N GLU A 30 17.86 10.11 22.61
CA GLU A 30 17.18 10.09 21.33
C GLU A 30 16.59 11.45 20.95
N LYS A 31 15.88 12.11 21.89
CA LYS A 31 15.43 13.49 21.64
C LYS A 31 16.63 14.43 21.47
N GLY A 32 17.78 14.04 22.04
CA GLY A 32 19.01 14.78 21.90
C GLY A 32 19.49 14.77 20.47
N ILE A 33 19.42 13.59 19.84
CA ILE A 33 19.62 13.44 18.39
C ILE A 33 18.78 14.44 17.59
N VAL A 34 17.50 14.59 17.93
CA VAL A 34 16.63 15.53 17.21
C VAL A 34 17.06 16.98 17.39
N THR A 35 17.48 17.33 18.59
CA THR A 35 17.99 18.68 18.84
C THR A 35 19.24 18.93 17.99
N LYS A 36 20.16 17.96 18.02
CA LYS A 36 21.38 18.05 17.23
C LYS A 36 21.08 18.30 15.75
N PHE A 37 20.09 17.61 15.21
CA PHE A 37 19.74 17.83 13.81
C PHE A 37 19.43 19.30 13.56
N TYR A 38 18.58 19.89 14.40
CA TYR A 38 18.21 21.29 14.26
C TYR A 38 19.41 22.26 14.34
N GLN A 39 20.39 21.89 15.17
CA GLN A 39 21.63 22.66 15.33
C GLN A 39 22.59 22.62 14.14
N LEU A 40 22.44 21.61 13.28
CA LEU A 40 23.23 21.54 12.05
C LEU A 40 22.93 22.71 11.11
N SER A 41 23.92 23.06 10.30
CA SER A 41 23.75 24.05 9.25
C SER A 41 22.71 23.59 8.26
N ALA A 42 22.12 24.52 7.52
CA ALA A 42 21.17 24.15 6.48
C ALA A 42 21.79 23.13 5.54
N THR A 43 23.08 23.30 5.24
CA THR A 43 23.72 22.43 4.26
C THR A 43 23.96 21.04 4.81
N GLY A 44 24.43 20.97 6.06
CA GLY A 44 24.56 19.68 6.72
C GLY A 44 23.25 18.91 6.78
N GLN A 45 22.13 19.61 6.94
CA GLN A 45 20.81 18.99 6.99
C GLN A 45 20.37 18.51 5.62
N LYS A 46 20.59 19.34 4.61
CA LYS A 46 20.22 18.98 3.24
C LYS A 46 20.90 17.70 2.82
N LEU A 47 22.17 17.55 3.22
CA LEU A 47 22.94 16.36 2.93
C LEU A 47 22.47 15.17 3.76
N TYR A 48 22.22 15.39 5.05
CA TYR A 48 21.79 14.28 5.91
C TYR A 48 20.49 13.66 5.39
N VAL A 49 19.50 14.49 5.10
CA VAL A 49 18.21 13.97 4.68
C VAL A 49 18.29 13.20 3.35
N ARG A 50 19.08 13.73 2.41
CA ARG A 50 19.34 13.08 1.15
C ARG A 50 19.88 11.65 1.37
N LEU A 51 20.87 11.52 2.24
CA LEU A 51 21.41 10.23 2.54
C LEU A 51 20.41 9.41 3.30
N PHE A 52 19.64 10.07 4.14
CA PHE A 52 18.66 9.37 4.95
C PHE A 52 17.51 8.78 4.13
N GLN A 53 17.11 9.45 3.05
CA GLN A 53 15.94 8.98 2.32
C GLN A 53 16.25 7.79 1.41
N ARG A 54 17.48 7.74 0.88
CA ARG A 54 17.82 6.62 0.02
C ARG A 54 18.10 5.38 0.84
N LYS A 55 17.90 4.23 0.22
CA LYS A 55 18.28 2.94 0.76
C LYS A 55 19.73 2.99 1.28
N LEU A 56 19.94 2.46 2.48
CA LEU A 56 21.17 2.67 3.23
C LEU A 56 22.35 1.97 2.57
N SER A 57 23.50 2.66 2.52
CA SER A 57 24.73 2.11 1.98
C SER A 57 25.84 3.13 2.13
N TRP A 58 27.05 2.75 1.74
CA TRP A 58 28.14 3.72 1.67
C TRP A 58 28.04 4.52 0.37
N ILE A 59 28.53 5.74 0.41
CA ILE A 59 28.54 6.66 -0.73
C ILE A 59 29.97 7.11 -0.93
N LYS A 60 30.49 7.05 -2.15
CA LYS A 60 31.81 7.65 -2.41
C LYS A 60 31.73 9.17 -2.27
N MET A 61 32.76 9.77 -1.69
CA MET A 61 32.89 11.22 -1.65
C MET A 61 32.85 11.83 -3.05
N THR A 62 33.49 11.17 -4.01
CA THR A 62 33.46 11.66 -5.39
C THR A 62 32.02 11.78 -5.87
N LYS A 63 31.15 10.89 -5.45
CA LYS A 63 29.74 10.95 -5.87
C LYS A 63 29.03 12.14 -5.24
N LEU A 64 29.40 12.48 -4.00
CA LEU A 64 28.81 13.63 -3.32
C LEU A 64 29.34 14.95 -3.86
N GLU A 65 30.62 14.97 -4.24
CA GLU A 65 31.24 16.16 -4.81
C GLU A 65 30.59 16.45 -6.17
N TYR A 66 30.49 15.42 -7.00
CA TYR A 66 29.92 15.51 -8.34
C TYR A 66 28.50 16.07 -8.39
N GLU A 67 27.64 15.62 -7.48
CA GLU A 67 26.25 16.09 -7.51
C GLU A 67 26.07 17.44 -6.83
N GLU A 68 27.20 18.08 -6.52
CA GLU A 68 27.23 19.50 -6.18
C GLU A 68 26.23 19.89 -5.07
N ILE A 69 26.48 19.42 -3.85
CA ILE A 69 25.61 19.76 -2.71
C ILE A 69 26.12 21.00 -1.97
N ALA A 70 27.44 21.24 -2.07
CA ALA A 70 28.03 22.45 -1.49
C ALA A 70 29.30 22.85 -2.25
N LEU A 71 29.87 24.00 -1.89
CA LEU A 71 31.13 24.43 -2.50
C LEU A 71 32.32 23.61 -1.97
N ASP A 72 32.51 23.59 -0.65
CA ASP A 72 33.48 22.69 -0.04
C ASP A 72 32.74 21.73 0.89
N LEU A 73 32.90 20.44 0.62
CA LEU A 73 32.22 19.40 1.38
C LEU A 73 32.89 19.10 2.71
N THR A 74 34.21 19.27 2.76
CA THR A 74 34.99 18.88 3.94
C THR A 74 34.40 19.39 5.26
N PRO A 75 34.13 20.70 5.35
CA PRO A 75 33.53 21.17 6.61
C PRO A 75 32.14 20.54 6.89
N VAL A 76 31.29 20.38 5.87
CA VAL A 76 30.00 19.69 6.04
C VAL A 76 30.17 18.26 6.56
N ILE A 77 31.01 17.49 5.88
CA ILE A 77 31.30 16.13 6.35
C ILE A 77 31.77 16.13 7.80
N GLU A 78 32.65 17.05 8.15
CA GLU A 78 33.15 17.09 9.51
C GLU A 78 32.07 17.44 10.54
N GLU A 79 31.25 18.44 10.23
CA GLU A 79 30.11 18.76 11.09
C GLU A 79 29.27 17.50 11.35
N LEU A 80 28.96 16.76 10.29
CA LEU A 80 28.15 15.55 10.40
C LEU A 80 28.84 14.44 11.18
N THR A 81 30.15 14.30 10.98
CA THR A 81 30.92 13.30 11.71
C THR A 81 31.02 13.64 13.20
N ASN A 82 31.28 14.92 13.50
CA ASN A 82 31.38 15.39 14.88
C ASN A 82 30.08 15.23 15.65
N ALA A 83 28.95 15.38 14.96
CA ALA A 83 27.65 15.31 15.59
C ALA A 83 27.18 13.88 15.79
N GLY A 84 27.93 12.91 15.28
CA GLY A 84 27.55 11.50 15.36
C GLY A 84 26.59 11.00 14.29
N PHE A 85 26.39 11.80 13.24
CA PHE A 85 25.40 11.50 12.20
C PHE A 85 25.96 10.66 11.05
N LEU A 86 27.26 10.77 10.83
CA LEU A 86 27.92 10.22 9.67
C LEU A 86 29.22 9.53 10.08
N GLN A 87 29.59 8.48 9.38
CA GLN A 87 30.88 7.81 9.65
C GLN A 87 31.70 7.69 8.35
N THR A 88 33.03 7.66 8.49
CA THR A 88 33.91 7.64 7.32
C THR A 88 34.56 6.28 7.06
N GLU A 89 35.26 6.17 5.93
CA GLU A 89 35.89 4.93 5.48
C GLU A 89 36.76 4.18 6.51
N SER A 90 37.24 4.88 7.54
CA SER A 90 38.01 4.21 8.59
C SER A 90 37.20 3.13 9.29
N GLU A 91 35.88 3.31 9.33
CA GLU A 91 34.98 2.33 9.94
C GLU A 91 34.39 1.36 8.92
N LEU A 92 34.81 1.46 7.67
CA LEU A 92 34.29 0.59 6.62
C LEU A 92 35.11 -0.69 6.56
N GLN A 93 34.53 -1.80 7.02
CA GLN A 93 35.32 -3.01 7.24
C GLN A 93 34.77 -4.28 6.59
N GLU A 94 33.46 -4.31 6.36
CA GLU A 94 32.83 -5.47 5.73
C GLU A 94 33.08 -5.51 4.22
N LEU A 95 33.70 -6.59 3.75
CA LEU A 95 34.00 -6.73 2.32
C LEU A 95 32.80 -6.47 1.39
N SER A 96 31.65 -7.06 1.70
CA SER A 96 30.47 -6.88 0.87
C SER A 96 30.04 -5.40 0.80
N GLU A 97 30.19 -4.66 1.87
CA GLU A 97 29.85 -3.25 1.81
C GLU A 97 30.80 -2.51 0.89
N VAL A 98 32.07 -2.87 0.91
CA VAL A 98 33.05 -2.20 0.08
C VAL A 98 32.81 -2.52 -1.39
N LEU A 99 32.54 -3.78 -1.70
CA LEU A 99 32.30 -4.19 -3.08
C LEU A 99 31.12 -3.44 -3.66
N GLU A 100 30.08 -3.26 -2.85
CA GLU A 100 28.89 -2.52 -3.26
C GLU A 100 29.19 -1.09 -3.75
N LEU A 101 30.20 -0.45 -3.18
CA LEU A 101 30.58 0.88 -3.61
C LEU A 101 31.15 0.94 -5.03
N LEU A 102 31.62 -0.18 -5.54
CA LEU A 102 32.41 -0.16 -6.77
C LEU A 102 31.55 -0.05 -8.03
N SER A 103 32.11 0.59 -9.05
CA SER A 103 31.47 0.72 -10.35
C SER A 103 31.81 -0.52 -11.17
N ALA A 104 31.03 -0.76 -12.23
CA ALA A 104 31.33 -1.88 -13.11
C ALA A 104 32.80 -1.95 -13.59
N PRO A 105 33.36 -0.83 -14.06
CA PRO A 105 34.76 -0.90 -14.49
C PRO A 105 35.70 -1.20 -13.32
N GLU A 106 35.45 -0.62 -12.14
CA GLU A 106 36.27 -0.93 -10.98
C GLU A 106 36.27 -2.43 -10.59
N LEU A 107 35.08 -3.02 -10.47
CA LEU A 107 34.97 -4.47 -10.28
C LEU A 107 35.72 -5.29 -11.34
N LYS A 108 35.54 -4.93 -12.60
CA LYS A 108 36.26 -5.59 -13.68
C LYS A 108 37.78 -5.63 -13.47
N SER A 109 38.37 -4.51 -13.06
CA SER A 109 39.80 -4.49 -12.73
C SER A 109 40.15 -5.44 -11.62
N LEU A 110 39.44 -5.32 -10.48
CA LEU A 110 39.65 -6.18 -9.34
C LEU A 110 39.62 -7.63 -9.80
N ALA A 111 38.63 -7.98 -10.62
CA ALA A 111 38.52 -9.33 -11.15
C ALA A 111 39.79 -9.75 -11.90
N LYS A 112 40.43 -8.82 -12.60
CA LYS A 112 41.63 -9.20 -13.32
C LYS A 112 42.83 -9.34 -12.39
N THR A 113 42.92 -8.46 -11.39
CA THR A 113 43.93 -8.58 -10.35
C THR A 113 43.86 -9.93 -9.64
N PHE A 114 42.65 -10.41 -9.41
CA PHE A 114 42.46 -11.66 -8.71
C PHE A 114 42.04 -12.83 -9.60
N HIS A 115 42.28 -12.71 -10.89
CA HIS A 115 42.09 -13.81 -11.83
C HIS A 115 40.77 -14.58 -11.79
N LEU A 116 39.69 -13.86 -11.53
CA LEU A 116 38.35 -14.43 -11.67
C LEU A 116 38.10 -14.91 -13.12
N VAL A 117 37.23 -15.90 -13.24
CA VAL A 117 36.82 -16.47 -14.53
C VAL A 117 36.28 -15.47 -15.54
N ASN A 118 35.32 -14.65 -15.10
CA ASN A 118 34.64 -13.72 -16.01
C ASN A 118 34.70 -12.28 -15.56
N PRO A 119 35.83 -11.63 -15.83
CA PRO A 119 35.93 -10.22 -15.45
C PRO A 119 34.89 -9.32 -16.14
N ASN A 120 34.29 -9.77 -17.25
CA ASN A 120 33.24 -9.02 -17.95
C ASN A 120 31.80 -9.42 -17.60
N GLY A 121 31.62 -10.10 -16.49
CA GLY A 121 30.28 -10.50 -16.08
C GLY A 121 29.53 -9.41 -15.36
N GLN A 122 28.36 -9.73 -14.84
CA GLN A 122 27.59 -8.73 -14.12
C GLN A 122 28.24 -8.35 -12.80
N LYS A 123 28.04 -7.11 -12.38
CA LYS A 123 28.53 -6.65 -11.10
C LYS A 123 28.22 -7.63 -9.97
N GLN A 124 26.96 -8.02 -9.83
CA GLN A 124 26.61 -8.92 -8.73
C GLN A 124 27.25 -10.32 -8.84
N GLN A 125 27.43 -10.84 -10.05
CA GLN A 125 28.15 -12.10 -10.22
C GLN A 125 29.57 -11.98 -9.68
N LEU A 126 30.22 -10.88 -10.03
CA LEU A 126 31.60 -10.61 -9.64
C LEU A 126 31.71 -10.44 -8.14
N VAL A 127 30.80 -9.67 -7.57
CA VAL A 127 30.71 -9.51 -6.13
C VAL A 127 30.58 -10.87 -5.42
N ASP A 128 29.63 -11.70 -5.85
CA ASP A 128 29.51 -13.04 -5.28
C ASP A 128 30.80 -13.85 -5.43
N ALA A 129 31.42 -13.79 -6.59
CA ALA A 129 32.69 -14.48 -6.82
C ALA A 129 33.75 -14.01 -5.83
N PHE A 130 33.83 -12.71 -5.57
CA PHE A 130 34.82 -12.17 -4.64
C PHE A 130 34.56 -12.68 -3.22
N LEU A 131 33.32 -12.55 -2.76
CA LEU A 131 32.92 -13.05 -1.45
C LEU A 131 33.25 -14.54 -1.24
N LYS A 132 32.98 -15.36 -2.26
CA LYS A 132 33.21 -16.79 -2.17
C LYS A 132 34.70 -17.09 -2.12
N LEU A 133 35.46 -16.37 -2.93
CA LEU A 133 36.91 -16.53 -2.99
C LEU A 133 37.54 -16.02 -1.71
N ALA A 134 36.83 -15.20 -0.95
CA ALA A 134 37.43 -14.58 0.22
C ALA A 134 37.55 -15.55 1.41
N LYS A 135 37.24 -16.83 1.18
CA LYS A 135 37.55 -17.90 2.13
C LYS A 135 38.15 -19.15 1.45
N PRO A 147 49.13 -14.99 4.22
CA PRO A 147 49.00 -13.59 4.62
C PRO A 147 47.56 -13.09 4.46
N GLY A 148 46.60 -14.00 4.51
CA GLY A 148 45.20 -13.65 4.37
C GLY A 148 44.27 -13.09 3.31
N ILE A 149 44.08 -13.85 2.24
CA ILE A 149 43.69 -13.44 0.90
C ILE A 149 42.52 -12.47 0.93
N GLY A 150 41.50 -12.81 1.72
CA GLY A 150 40.32 -11.97 1.84
C GLY A 150 40.77 -10.58 2.22
N ALA A 151 41.88 -10.52 2.96
CA ALA A 151 42.39 -9.25 3.44
C ALA A 151 42.94 -8.42 2.29
N VAL A 152 43.62 -9.10 1.36
CA VAL A 152 44.24 -8.44 0.21
C VAL A 152 43.11 -7.86 -0.66
N ILE A 153 42.07 -8.66 -0.85
CA ILE A 153 40.92 -8.25 -1.61
C ILE A 153 40.28 -7.02 -0.97
N LEU A 154 40.07 -7.08 0.34
CA LEU A 154 39.53 -5.95 1.08
C LEU A 154 40.38 -4.70 0.89
N LYS A 155 41.70 -4.87 0.97
CA LYS A 155 42.61 -3.73 0.90
C LYS A 155 42.65 -3.10 -0.49
N ARG A 156 42.71 -3.94 -1.52
CA ARG A 156 42.64 -3.46 -2.91
C ARG A 156 41.30 -2.78 -3.16
N ALA A 157 40.23 -3.41 -2.72
CA ALA A 157 38.89 -2.89 -2.98
C ALA A 157 38.67 -1.57 -2.26
N LYS A 158 39.12 -1.48 -1.00
CA LYS A 158 38.99 -0.21 -0.29
C LYS A 158 39.74 0.88 -1.02
N ALA A 159 40.94 0.54 -1.48
CA ALA A 159 41.74 1.49 -2.24
C ALA A 159 41.04 2.03 -3.51
N LEU A 160 40.33 1.16 -4.24
CA LEU A 160 39.61 1.58 -5.43
C LEU A 160 38.42 2.46 -5.05
N ALA A 161 37.75 2.08 -3.96
CA ALA A 161 36.57 2.80 -3.53
C ALA A 161 36.89 4.27 -3.23
N GLY A 162 37.92 4.47 -2.41
CA GLY A 162 38.31 5.82 -2.03
C GLY A 162 37.52 6.26 -0.82
N GLN A 163 37.62 7.54 -0.49
CA GLN A 163 36.89 8.06 0.65
C GLN A 163 35.38 7.89 0.48
N SER A 164 34.75 7.34 1.52
CA SER A 164 33.33 7.01 1.49
C SER A 164 32.71 7.35 2.83
N VAL A 165 31.40 7.58 2.84
CA VAL A 165 30.69 7.87 4.07
C VAL A 165 29.40 7.05 4.13
N ARG A 166 28.80 7.05 5.31
CA ARG A 166 27.59 6.26 5.55
C ARG A 166 26.94 6.87 6.76
N ILE A 167 25.62 7.02 6.74
CA ILE A 167 24.99 7.57 7.91
C ILE A 167 24.94 6.52 9.02
N CYS A 168 25.26 6.97 10.23
CA CYS A 168 25.28 6.14 11.41
C CYS A 168 23.92 5.56 11.75
N LYS A 169 23.93 4.27 12.08
CA LYS A 169 22.71 3.50 12.23
C LYS A 169 21.85 3.93 13.42
N GLY A 170 22.49 4.53 14.42
CA GLY A 170 21.81 4.95 15.63
C GLY A 170 20.82 6.08 15.44
N PRO A 171 21.31 7.27 15.03
CA PRO A 171 20.39 8.39 14.77
C PRO A 171 19.45 8.06 13.63
N ARG A 172 19.91 7.26 12.67
CA ARG A 172 19.06 6.84 11.55
C ARG A 172 17.79 6.19 12.07
N ALA A 173 17.92 5.38 13.12
CA ALA A 173 16.77 4.68 13.67
C ALA A 173 15.80 5.63 14.39
N VAL A 174 16.34 6.67 15.03
CA VAL A 174 15.47 7.65 15.67
C VAL A 174 14.56 8.31 14.61
N PHE A 175 15.19 8.83 13.58
CA PHE A 175 14.45 9.49 12.52
C PHE A 175 13.51 8.55 11.80
N SER A 176 13.90 7.30 11.69
CA SER A 176 13.11 6.30 10.99
C SER A 176 11.84 5.97 11.76
N ARG A 177 11.93 5.96 13.09
CA ARG A 177 10.76 5.78 13.95
C ARG A 177 9.85 7.00 13.95
N ILE A 178 10.45 8.19 13.89
CA ILE A 178 9.70 9.43 13.77
C ILE A 178 8.93 9.41 12.46
N LEU A 179 9.61 9.00 11.39
CA LEU A 179 8.95 8.88 10.09
C LEU A 179 7.82 7.87 10.13
N LEU A 180 7.92 6.89 11.01
CA LEU A 180 6.95 5.82 11.07
C LEU A 180 5.73 6.28 11.82
N LEU A 181 5.96 7.04 12.89
CA LEU A 181 4.90 7.61 13.70
C LEU A 181 4.08 8.58 12.88
N PHE A 182 4.72 9.21 11.90
CA PHE A 182 4.09 10.25 11.12
C PHE A 182 2.98 9.73 10.21
N SER A 183 3.07 8.47 9.82
CA SER A 183 2.09 7.85 8.92
C SER A 183 2.12 6.36 9.13
N LEU A 184 1.19 5.82 9.92
CA LEU A 184 1.37 4.44 10.42
C LEU A 184 1.50 3.32 9.36
N THR A 185 0.57 3.28 8.41
CA THR A 185 0.69 2.46 7.21
C THR A 185 -0.17 3.09 6.11
N ASP A 186 -0.42 4.39 6.29
CA ASP A 186 -1.41 5.14 5.51
C ASP A 186 -0.82 6.43 4.93
N GLN A 200 9.90 0.73 0.04
CA GLN A 200 9.29 2.00 -0.36
C GLN A 200 8.17 2.40 0.58
N LEU A 201 8.53 3.09 1.65
CA LEU A 201 7.54 3.54 2.63
C LEU A 201 7.87 4.94 3.14
N SER A 202 8.98 5.49 2.67
CA SER A 202 9.40 6.83 3.08
C SER A 202 9.39 7.80 1.90
N THR A 203 8.63 7.45 0.87
CA THR A 203 8.52 8.29 -0.32
C THR A 203 8.00 9.68 0.03
N VAL A 204 7.52 9.84 1.25
CA VAL A 204 6.99 11.11 1.72
C VAL A 204 8.03 12.22 1.59
N LEU A 205 9.30 11.83 1.57
CA LEU A 205 10.39 12.79 1.45
C LEU A 205 10.55 13.24 0.01
N LEU A 206 9.80 12.60 -0.89
CA LEU A 206 9.96 12.86 -2.33
C LEU A 206 8.96 13.87 -2.89
N VAL A 207 7.79 13.95 -2.26
CA VAL A 207 6.73 14.90 -2.64
C VAL A 207 6.85 16.21 -1.84
N ASN A 208 6.24 17.31 -2.32
CA ASN A 208 6.26 18.58 -1.56
C ASN A 208 5.21 18.60 -0.45
N LEU A 209 5.56 17.99 0.68
CA LEU A 209 4.70 17.89 1.83
C LEU A 209 4.24 19.24 2.36
N GLY A 210 5.18 20.19 2.45
CA GLY A 210 4.90 21.48 3.06
C GLY A 210 3.86 22.29 2.31
N ARG A 211 3.71 22.00 1.02
CA ARG A 211 2.75 22.67 0.16
C ARG A 211 1.31 22.11 0.29
N MET A 212 1.18 20.92 0.85
CA MET A 212 -0.11 20.26 0.98
C MET A 212 -0.95 20.84 2.11
N GLU A 213 -2.26 20.96 1.87
CA GLU A 213 -3.17 21.45 2.89
C GLU A 213 -4.08 20.30 3.37
N PHE A 214 -4.05 19.98 4.65
CA PHE A 214 -4.84 18.84 5.14
C PHE A 214 -6.21 19.30 5.63
N PRO A 215 -7.17 18.38 5.75
CA PRO A 215 -8.51 18.86 6.12
C PRO A 215 -8.48 19.49 7.49
N SER A 216 -9.41 20.39 7.79
CA SER A 216 -9.52 20.90 9.16
C SER A 216 -10.30 19.89 9.96
N TYR A 217 -9.63 19.36 10.98
CA TYR A 217 -10.26 18.45 11.93
C TYR A 217 -9.57 18.71 13.25
N THR A 218 -10.04 18.05 14.30
CA THR A 218 -9.48 18.29 15.61
C THR A 218 -8.71 17.04 15.99
N ILE A 219 -7.43 17.17 16.33
CA ILE A 219 -6.71 16.02 16.89
C ILE A 219 -7.44 15.69 18.18
N ASN A 220 -7.63 14.40 18.43
CA ASN A 220 -8.28 13.95 19.65
C ASN A 220 -7.92 12.49 19.99
N ARG A 221 -6.82 12.32 20.73
CA ARG A 221 -6.42 10.99 21.19
C ARG A 221 -6.95 10.72 22.59
N LYS A 222 -7.33 9.46 22.84
CA LYS A 222 -7.77 8.99 24.16
C LYS A 222 -6.99 7.74 24.54
N THR A 223 -6.50 7.02 23.52
CA THR A 223 -5.91 5.69 23.71
C THR A 223 -4.52 5.62 23.12
N HIS A 224 -3.54 5.15 23.88
CA HIS A 224 -2.19 4.96 23.38
C HIS A 224 -2.12 3.74 22.46
N ILE A 225 -1.45 3.91 21.33
CA ILE A 225 -1.20 2.80 20.43
C ILE A 225 0.02 2.00 20.90
N PHE A 226 1.05 2.72 21.37
CA PHE A 226 2.27 2.08 21.86
C PHE A 226 2.43 2.28 23.36
N GLN A 227 2.62 1.16 24.07
CA GLN A 227 2.76 1.20 25.53
C GLN A 227 3.97 2.03 25.95
N ASP A 228 5.11 1.72 25.39
CA ASP A 228 6.33 2.41 25.75
C ASP A 228 7.27 2.36 24.57
N ARG A 229 8.43 2.98 24.75
CA ARG A 229 9.47 2.97 23.76
C ARG A 229 9.74 1.58 23.15
N ASP A 230 9.73 0.54 23.97
CA ASP A 230 10.03 -0.78 23.47
C ASP A 230 8.99 -1.24 22.46
N ASP A 231 7.74 -0.85 22.70
CA ASP A 231 6.64 -1.32 21.88
C ASP A 231 6.78 -0.76 20.47
N LEU A 232 7.11 0.53 20.38
CA LEU A 232 7.41 1.12 19.11
C LEU A 232 8.63 0.48 18.44
N ILE A 233 9.69 0.24 19.22
CA ILE A 233 10.87 -0.46 18.69
C ILE A 233 10.46 -1.76 18.03
N ARG A 234 9.77 -2.63 18.77
CA ARG A 234 9.40 -3.94 18.22
C ARG A 234 8.54 -3.78 16.97
N TYR A 235 7.59 -2.85 17.01
CA TYR A 235 6.71 -2.63 15.86
C TYR A 235 7.49 -2.14 14.64
N ALA A 236 8.42 -1.21 14.85
CA ALA A 236 9.28 -0.72 13.76
C ALA A 236 10.08 -1.88 13.12
N ALA A 237 10.68 -2.72 13.96
CA ALA A 237 11.43 -3.88 13.48
C ALA A 237 10.56 -4.84 12.66
N ALA A 238 9.39 -5.21 13.19
CA ALA A 238 8.49 -6.11 12.47
C ALA A 238 8.08 -5.50 11.13
N THR A 239 7.83 -4.20 11.15
CA THR A 239 7.50 -3.47 9.92
C THR A 239 8.58 -3.56 8.83
N HIS A 240 9.85 -3.46 9.21
CA HIS A 240 10.94 -3.54 8.25
C HIS A 240 11.07 -4.96 7.70
N MET A 241 10.93 -5.94 8.58
CA MET A 241 10.90 -7.35 8.16
C MET A 241 9.81 -7.66 7.13
N LEU A 242 8.59 -7.22 7.41
CA LEU A 242 7.50 -7.44 6.46
C LEU A 242 7.79 -6.79 5.12
N SER A 243 8.37 -5.58 5.15
CA SER A 243 8.63 -4.83 3.93
C SER A 243 9.75 -5.44 3.09
N ASP A 244 10.73 -6.06 3.74
CA ASP A 244 11.79 -6.74 3.02
C ASP A 244 11.17 -7.91 2.27
N ILE A 245 10.39 -8.72 2.98
CA ILE A 245 9.75 -9.89 2.37
C ILE A 245 8.76 -9.50 1.27
N SER A 246 7.92 -8.49 1.52
CA SER A 246 6.96 -8.03 0.50
C SER A 246 7.67 -7.66 -0.82
N SER A 247 8.80 -6.98 -0.71
CA SER A 247 9.56 -6.57 -1.89
C SER A 247 10.26 -7.76 -2.56
N ALA A 248 10.75 -8.72 -1.76
CA ALA A 248 11.43 -9.90 -2.32
C ALA A 248 10.52 -10.66 -3.29
N MET A 249 9.29 -10.90 -2.87
CA MET A 249 8.29 -11.56 -3.69
C MET A 249 8.01 -10.81 -4.99
N ALA A 250 7.83 -9.49 -4.88
CA ALA A 250 7.57 -8.62 -6.03
C ALA A 250 8.68 -8.67 -7.11
N ASN A 251 9.92 -8.90 -6.68
CA ASN A 251 11.05 -8.99 -7.60
C ASN A 251 11.23 -10.43 -8.08
N GLY A 252 10.61 -11.36 -7.35
CA GLY A 252 10.59 -12.76 -7.74
C GLY A 252 11.63 -13.62 -7.03
N ASN A 253 12.14 -13.13 -5.91
CA ASN A 253 13.10 -13.91 -5.13
C ASN A 253 12.35 -14.75 -4.10
N TRP A 254 11.82 -15.90 -4.54
CA TRP A 254 10.95 -16.71 -3.70
C TRP A 254 11.71 -17.56 -2.70
N GLU A 255 12.91 -17.97 -3.08
CA GLU A 255 13.75 -18.74 -2.19
C GLU A 255 14.16 -17.85 -1.01
N GLU A 256 14.55 -16.61 -1.35
CA GLU A 256 15.13 -15.66 -0.38
C GLU A 256 14.09 -14.88 0.43
N ALA A 257 12.83 -15.31 0.34
CA ALA A 257 11.78 -14.72 1.15
C ALA A 257 11.32 -15.74 2.20
N LYS A 258 11.66 -17.01 1.95
CA LYS A 258 11.27 -18.10 2.82
C LYS A 258 11.99 -18.05 4.17
N GLU A 259 13.26 -17.69 4.19
CA GLU A 259 14.06 -17.87 5.41
C GLU A 259 13.79 -16.81 6.47
N LEU A 260 13.49 -15.58 6.06
CA LEU A 260 13.11 -14.57 7.05
C LEU A 260 11.73 -14.85 7.62
N ALA A 261 10.84 -15.41 6.80
CA ALA A 261 9.54 -15.85 7.32
C ALA A 261 9.76 -16.81 8.50
N GLN A 262 10.63 -17.78 8.30
CA GLN A 262 10.95 -18.75 9.34
C GLN A 262 11.71 -18.09 10.49
N CYS A 263 12.48 -17.04 10.17
CA CYS A 263 13.15 -16.28 11.23
C CYS A 263 12.12 -15.55 12.06
N ALA A 264 11.18 -14.91 11.36
CA ALA A 264 10.02 -14.28 11.97
C ALA A 264 9.26 -15.28 12.83
N LYS A 265 8.88 -16.41 12.22
CA LYS A 265 8.02 -17.37 12.89
C LYS A 265 8.62 -17.85 14.20
N ARG A 266 9.93 -18.10 14.20
CA ARG A 266 10.62 -18.53 15.42
C ARG A 266 10.41 -17.47 16.49
N ASP A 267 10.58 -16.21 16.09
CA ASP A 267 10.43 -15.09 17.00
C ASP A 267 8.97 -14.91 17.39
N TRP A 268 8.07 -15.13 16.44
CA TRP A 268 6.66 -14.95 16.71
C TRP A 268 6.17 -15.90 17.81
N ASN A 269 6.55 -17.18 17.73
CA ASN A 269 6.11 -18.16 18.72
C ASN A 269 6.55 -17.86 20.15
N ARG A 270 7.56 -17.01 20.30
CA ARG A 270 7.94 -16.46 21.61
C ARG A 270 7.19 -15.17 21.92
N LEU A 271 7.05 -14.32 20.91
CA LEU A 271 6.43 -13.00 21.07
C LEU A 271 4.94 -13.05 21.43
N LYS A 272 4.19 -13.94 20.79
CA LYS A 272 2.74 -13.98 21.01
C LYS A 272 2.36 -14.14 22.47
N ASN A 273 3.27 -14.67 23.28
CA ASN A 273 3.00 -14.85 24.70
C ASN A 273 3.58 -13.72 25.56
N HIS A 274 4.04 -12.66 24.91
CA HIS A 274 4.64 -11.53 25.62
C HIS A 274 3.55 -10.65 26.24
N PRO A 275 3.77 -10.20 27.47
CA PRO A 275 2.84 -9.31 28.18
C PRO A 275 2.51 -8.01 27.44
N SER A 276 3.45 -7.45 26.70
CA SER A 276 3.21 -6.19 26.00
C SER A 276 2.05 -6.28 24.99
N LEU A 277 1.68 -7.50 24.63
CA LEU A 277 0.68 -7.74 23.60
C LEU A 277 -0.73 -7.87 24.13
N ARG A 278 -0.86 -8.00 25.44
CA ARG A 278 -2.17 -8.22 26.04
C ARG A 278 -3.06 -6.98 25.90
N CYS A 279 -2.43 -5.81 25.88
CA CYS A 279 -3.16 -4.56 25.73
C CYS A 279 -3.63 -4.34 24.30
N HIS A 280 -2.93 -4.94 23.34
CA HIS A 280 -3.28 -4.77 21.94
C HIS A 280 -4.66 -5.34 21.58
N GLU A 281 -5.18 -6.28 22.36
CA GLU A 281 -6.48 -6.85 22.02
C GLU A 281 -7.62 -5.96 22.52
N ASP A 282 -7.27 -5.00 23.39
CA ASP A 282 -8.25 -4.05 23.88
C ASP A 282 -8.31 -2.80 22.99
N LEU A 283 -7.61 -2.87 21.87
CA LEU A 283 -7.65 -1.80 20.87
C LEU A 283 -8.70 -2.12 19.81
N PRO A 284 -9.46 -1.11 19.40
CA PRO A 284 -10.36 -1.26 18.24
C PRO A 284 -9.54 -1.64 17.01
N LEU A 285 -10.13 -2.39 16.08
CA LEU A 285 -9.44 -2.81 14.86
C LEU A 285 -8.62 -1.70 14.17
N PHE A 286 -9.15 -0.49 14.19
CA PHE A 286 -8.53 0.57 13.41
C PHE A 286 -7.22 1.09 14.05
N LEU A 287 -7.00 0.75 15.32
CA LEU A 287 -5.69 0.97 15.96
C LEU A 287 -4.88 -0.34 16.08
N ARG A 288 -5.57 -1.47 16.15
CA ARG A 288 -4.89 -2.74 16.38
C ARG A 288 -3.94 -3.10 15.24
N CYS A 289 -4.24 -2.64 14.04
CA CYS A 289 -3.37 -2.87 12.88
C CYS A 289 -2.03 -2.17 12.98
N PHE A 290 -1.87 -1.30 13.98
CA PHE A 290 -0.58 -0.65 14.17
C PHE A 290 0.14 -1.23 15.38
N THR A 291 0.14 -2.56 15.47
CA THR A 291 0.81 -3.26 16.54
C THR A 291 1.60 -4.46 16.00
N VAL A 292 2.67 -4.90 16.70
CA VAL A 292 3.52 -6.04 16.25
C VAL A 292 2.75 -7.30 15.83
N GLY A 293 1.85 -7.76 16.69
CA GLY A 293 1.09 -8.95 16.42
C GLY A 293 0.38 -8.89 15.08
N TRP A 294 -0.08 -7.69 14.73
CA TRP A 294 -0.71 -7.53 13.43
C TRP A 294 0.35 -7.71 12.35
N ILE A 295 1.52 -7.11 12.55
CA ILE A 295 2.58 -7.25 11.55
C ILE A 295 3.01 -8.70 11.31
N TYR A 296 3.15 -9.48 12.39
CA TYR A 296 3.55 -10.89 12.25
C TYR A 296 2.52 -11.74 11.54
N THR A 297 1.25 -11.47 11.86
CA THR A 297 0.14 -12.14 11.21
C THR A 297 0.22 -11.87 9.72
N ARG A 298 0.58 -10.64 9.34
CA ARG A 298 0.77 -10.31 7.95
C ARG A 298 1.97 -11.07 7.37
N ILE A 299 3.02 -11.24 8.18
CA ILE A 299 4.16 -12.05 7.75
C ILE A 299 3.67 -13.45 7.45
N LEU A 300 3.06 -14.09 8.45
CA LEU A 300 2.54 -15.46 8.31
C LEU A 300 1.62 -15.62 7.10
N SER A 301 0.81 -14.60 6.82
CA SER A 301 -0.02 -14.63 5.63
C SER A 301 0.85 -14.62 4.36
N ARG A 302 1.79 -13.69 4.25
CA ARG A 302 2.76 -13.66 3.15
C ARG A 302 3.52 -14.99 3.01
N PHE A 303 3.84 -15.60 4.16
CA PHE A 303 4.50 -16.91 4.26
C PHE A 303 3.73 -17.99 3.53
N VAL A 304 2.44 -18.06 3.78
CA VAL A 304 1.58 -19.01 3.09
C VAL A 304 1.63 -18.78 1.57
N GLU A 305 1.62 -17.52 1.15
CA GLU A 305 1.70 -17.19 -0.27
C GLU A 305 2.98 -17.76 -0.88
N ILE A 306 4.05 -17.81 -0.06
CA ILE A 306 5.37 -18.27 -0.49
C ILE A 306 5.37 -19.75 -0.80
N LEU A 307 4.91 -20.53 0.15
CA LEU A 307 4.85 -21.98 0.00
C LEU A 307 4.06 -22.38 -1.25
N GLN A 308 2.94 -21.70 -1.50
CA GLN A 308 2.11 -21.94 -2.68
C GLN A 308 2.87 -21.75 -4.01
N ARG A 309 3.78 -20.79 -4.04
CA ARG A 309 4.62 -20.55 -5.23
C ARG A 309 5.72 -21.60 -5.31
N LEU A 310 6.10 -22.11 -4.14
CA LEU A 310 7.15 -23.12 -4.03
C LEU A 310 6.60 -24.55 -4.01
N HIS A 311 5.34 -24.71 -4.42
CA HIS A 311 4.67 -26.02 -4.55
C HIS A 311 4.63 -26.85 -3.26
N MET A 312 5.11 -26.26 -2.16
CA MET A 312 5.06 -26.87 -0.83
C MET A 312 3.66 -26.72 -0.23
N TYR A 313 2.69 -27.41 -0.82
CA TYR A 313 1.30 -27.25 -0.46
C TYR A 313 0.95 -27.95 0.85
N GLU A 314 1.95 -28.54 1.47
CA GLU A 314 1.77 -29.26 2.73
C GLU A 314 1.80 -28.30 3.90
N GLU A 315 2.89 -27.54 3.97
CA GLU A 315 3.21 -26.66 5.10
C GLU A 315 2.31 -25.42 5.14
N ALA A 316 1.84 -24.99 3.98
CA ALA A 316 0.93 -23.86 3.86
C ALA A 316 -0.32 -24.08 4.73
N VAL A 317 -0.93 -25.25 4.54
CA VAL A 317 -2.12 -25.65 5.27
C VAL A 317 -1.93 -25.58 6.78
N ARG A 318 -0.81 -26.09 7.26
CA ARG A 318 -0.49 -26.04 8.68
C ARG A 318 -0.54 -24.60 9.23
N GLU A 319 -0.12 -23.65 8.39
CA GLU A 319 -0.05 -22.25 8.78
C GLU A 319 -1.39 -21.53 8.63
N LEU A 320 -2.12 -21.88 7.58
CA LEU A 320 -3.49 -21.42 7.38
C LEU A 320 -4.45 -21.81 8.53
N GLU A 321 -4.28 -23.01 9.08
CA GLU A 321 -5.12 -23.45 10.20
C GLU A 321 -4.77 -22.66 11.44
N SER A 322 -3.51 -22.21 11.53
CA SER A 322 -3.07 -21.51 12.73
C SER A 322 -3.55 -20.07 12.69
N LEU A 323 -3.58 -19.50 11.49
CA LEU A 323 -4.06 -18.15 11.27
C LEU A 323 -5.55 -18.10 11.56
N LEU A 324 -6.29 -19.04 10.95
CA LEU A 324 -7.74 -19.16 11.12
C LEU A 324 -8.17 -19.49 12.56
N SER A 325 -7.29 -20.18 13.29
CA SER A 325 -7.55 -20.56 14.67
C SER A 325 -7.64 -19.37 15.61
N GLN A 326 -7.14 -18.20 15.19
CA GLN A 326 -7.21 -17.00 16.04
C GLN A 326 -8.11 -15.91 15.47
N ARG A 327 -8.67 -15.07 16.34
CA ARG A 327 -9.55 -13.99 15.88
C ARG A 327 -9.10 -12.59 16.33
N ILE A 328 -7.85 -12.48 16.77
CA ILE A 328 -7.31 -11.20 17.19
C ILE A 328 -6.83 -10.34 16.01
N TYR A 329 -6.20 -10.99 15.04
CA TYR A 329 -5.53 -10.25 13.96
C TYR A 329 -6.05 -10.54 12.56
N CYS A 330 -6.14 -9.47 11.77
CA CYS A 330 -6.46 -9.51 10.35
C CYS A 330 -7.75 -10.24 9.97
N PRO A 331 -8.87 -9.88 10.64
CA PRO A 331 -10.15 -10.53 10.35
C PRO A 331 -10.59 -10.35 8.90
N ASP A 332 -10.16 -9.27 8.25
CA ASP A 332 -10.55 -9.08 6.87
C ASP A 332 -9.80 -10.06 5.95
N SER A 333 -8.81 -10.74 6.50
CA SER A 333 -8.02 -11.70 5.74
C SER A 333 -8.44 -13.14 6.06
N ARG A 334 -9.68 -13.30 6.50
CA ARG A 334 -10.21 -14.62 6.84
C ARG A 334 -10.75 -15.33 5.61
N GLY A 335 -11.53 -14.61 4.82
CA GLY A 335 -12.11 -15.17 3.61
C GLY A 335 -11.06 -15.72 2.65
N ARG A 336 -9.96 -14.99 2.52
CA ARG A 336 -8.88 -15.39 1.64
C ARG A 336 -8.14 -16.63 2.19
N TRP A 337 -8.08 -16.71 3.51
CA TRP A 337 -7.49 -17.86 4.17
C TRP A 337 -8.33 -19.14 3.99
N TRP A 338 -9.64 -19.08 4.27
CA TRP A 338 -10.51 -20.24 4.04
C TRP A 338 -10.47 -20.63 2.56
N ASP A 339 -10.53 -19.63 1.68
CA ASP A 339 -10.55 -19.91 0.26
C ASP A 339 -9.28 -20.58 -0.23
N ARG A 340 -8.14 -20.27 0.40
CA ARG A 340 -6.89 -20.91 0.02
C ARG A 340 -6.74 -22.26 0.71
N LEU A 341 -7.33 -22.41 1.88
CA LEU A 341 -7.27 -23.69 2.58
C LEU A 341 -7.99 -24.72 1.72
N ALA A 342 -9.17 -24.34 1.24
CA ALA A 342 -9.95 -25.21 0.38
C ALA A 342 -9.22 -25.53 -0.94
N LEU A 343 -8.77 -24.52 -1.66
CA LEU A 343 -8.11 -24.76 -2.95
C LEU A 343 -6.89 -25.64 -2.79
N ASN A 344 -6.22 -25.56 -1.65
CA ASN A 344 -5.05 -26.38 -1.42
C ASN A 344 -5.45 -27.81 -1.12
N LEU A 345 -6.40 -27.97 -0.21
CA LEU A 345 -6.93 -29.30 0.13
C LEU A 345 -7.57 -30.01 -1.06
N HIS A 346 -8.08 -29.22 -2.01
CA HIS A 346 -8.72 -29.77 -3.20
C HIS A 346 -7.68 -30.33 -4.17
N GLN A 347 -6.92 -29.45 -4.80
CA GLN A 347 -5.89 -29.86 -5.75
C GLN A 347 -4.52 -29.94 -5.10
N HIS A 348 -4.52 -30.16 -3.79
CA HIS A 348 -3.27 -30.44 -3.13
C HIS A 348 -3.19 -31.32 -1.88
N LEU A 349 -3.89 -32.43 -1.76
CA LEU A 349 -5.09 -32.92 -2.45
C LEU A 349 -5.62 -33.34 -1.06
N LYS A 350 -5.04 -34.39 -0.51
CA LYS A 350 -5.49 -35.33 0.48
C LYS A 350 -5.85 -34.65 1.78
N ARG A 351 -6.97 -35.04 2.35
CA ARG A 351 -7.98 -35.86 1.68
C ARG A 351 -9.24 -35.05 1.39
N LEU A 352 -9.88 -35.37 0.26
CA LEU A 352 -11.10 -34.68 -0.13
C LEU A 352 -12.19 -34.72 0.93
N GLU A 353 -11.87 -35.33 2.07
CA GLU A 353 -12.85 -35.60 3.11
C GLU A 353 -12.99 -34.41 4.06
N PRO A 354 -11.88 -33.73 4.32
CA PRO A 354 -11.87 -32.57 5.20
C PRO A 354 -11.82 -31.22 4.48
N THR A 355 -12.05 -31.18 3.16
CA THR A 355 -12.17 -29.88 2.48
C THR A 355 -13.50 -29.27 2.85
N ILE A 356 -14.58 -30.03 2.68
CA ILE A 356 -15.92 -29.57 3.06
C ILE A 356 -16.00 -29.33 4.56
N LYS A 357 -15.13 -30.01 5.31
CA LYS A 357 -14.96 -29.71 6.72
C LYS A 357 -14.57 -28.24 6.87
N CYS A 358 -13.72 -27.76 5.97
CA CYS A 358 -13.27 -26.37 6.01
C CYS A 358 -14.21 -25.38 5.29
N ILE A 359 -14.81 -25.83 4.18
CA ILE A 359 -15.80 -25.01 3.46
C ILE A 359 -17.03 -24.70 4.31
N THR A 360 -17.50 -25.68 5.08
CA THR A 360 -18.70 -25.48 5.87
C THR A 360 -18.46 -24.50 7.02
N GLU A 361 -17.34 -24.68 7.72
CA GLU A 361 -17.02 -23.75 8.81
C GLU A 361 -16.55 -22.38 8.30
N GLY A 362 -16.05 -22.37 7.05
CA GLY A 362 -15.76 -21.12 6.38
C GLY A 362 -17.04 -20.36 6.09
N LEU A 363 -18.03 -21.06 5.52
CA LEU A 363 -19.33 -20.46 5.21
C LEU A 363 -20.08 -20.03 6.47
N ALA A 364 -19.63 -20.54 7.62
CA ALA A 364 -20.21 -20.14 8.90
C ALA A 364 -19.51 -18.90 9.47
N ASP A 365 -18.32 -18.57 8.94
CA ASP A 365 -17.55 -17.42 9.41
C ASP A 365 -18.13 -16.09 8.93
N PRO A 366 -18.60 -15.29 9.89
CA PRO A 366 -19.27 -14.01 9.60
C PRO A 366 -18.32 -12.95 9.09
N GLU A 367 -17.01 -13.21 9.13
CA GLU A 367 -16.04 -12.21 8.70
C GLU A 367 -15.75 -12.36 7.23
N VAL A 368 -16.23 -13.46 6.67
CA VAL A 368 -16.00 -13.78 5.26
C VAL A 368 -16.96 -13.02 4.38
N ARG A 369 -16.42 -12.25 3.43
CA ARG A 369 -17.23 -11.41 2.54
C ARG A 369 -17.89 -12.25 1.43
N THR A 370 -18.92 -11.67 0.78
CA THR A 370 -19.74 -12.38 -0.20
C THR A 370 -18.93 -13.04 -1.32
N GLY A 371 -17.87 -12.37 -1.76
CA GLY A 371 -17.03 -12.88 -2.83
C GLY A 371 -16.37 -14.20 -2.47
N HIS A 372 -15.86 -14.30 -1.25
CA HIS A 372 -15.20 -15.54 -0.86
C HIS A 372 -16.24 -16.63 -0.54
N ARG A 373 -17.44 -16.21 -0.10
CA ARG A 373 -18.52 -17.15 0.16
C ARG A 373 -18.94 -17.86 -1.12
N LEU A 374 -18.86 -17.14 -2.24
CA LEU A 374 -19.17 -17.73 -3.54
C LEU A 374 -18.11 -18.76 -3.95
N SER A 375 -16.82 -18.38 -3.89
CA SER A 375 -15.74 -19.29 -4.26
C SER A 375 -15.79 -20.59 -3.46
N LEU A 376 -16.24 -20.48 -2.22
CA LEU A 376 -16.38 -21.64 -1.34
C LEU A 376 -17.57 -22.50 -1.79
N TYR A 377 -18.70 -21.84 -2.03
CA TYR A 377 -19.91 -22.50 -2.51
C TYR A 377 -19.68 -23.07 -3.92
N GLN A 378 -18.91 -22.35 -4.73
CA GLN A 378 -18.69 -22.76 -6.11
C GLN A 378 -17.86 -24.04 -6.16
N ARG A 379 -17.15 -24.32 -5.07
CA ARG A 379 -16.31 -25.50 -4.99
C ARG A 379 -17.05 -26.67 -4.35
N ALA A 380 -17.92 -26.36 -3.39
CA ALA A 380 -18.76 -27.39 -2.77
C ALA A 380 -19.70 -28.02 -3.79
N VAL A 381 -20.09 -27.23 -4.80
CA VAL A 381 -20.91 -27.71 -5.90
C VAL A 381 -20.22 -28.86 -6.64
N ARG A 382 -18.93 -28.71 -6.92
CA ARG A 382 -18.15 -29.80 -7.49
C ARG A 382 -18.42 -30.94 -6.50
N LEU A 383 -19.10 -31.97 -6.99
CA LEU A 383 -19.55 -33.07 -6.14
C LEU A 383 -19.34 -34.45 -6.79
N ARG A 384 -19.31 -35.47 -5.93
CA ARG A 384 -19.05 -36.88 -6.28
C ARG A 384 -19.36 -37.30 -7.71
N PHE A 396 -24.54 -35.37 2.59
CA PHE A 396 -24.76 -34.20 3.44
C PHE A 396 -24.95 -32.94 2.60
N GLN A 397 -24.00 -32.01 2.66
CA GLN A 397 -24.05 -30.77 1.87
C GLN A 397 -25.35 -30.02 2.08
N GLN A 398 -25.67 -29.75 3.34
CA GLN A 398 -26.98 -29.24 3.74
C GLN A 398 -27.36 -27.90 3.12
N LEU A 399 -26.63 -26.85 3.50
CA LEU A 399 -26.97 -25.49 3.10
C LEU A 399 -25.77 -24.87 2.37
N PRO A 400 -25.85 -23.58 1.96
CA PRO A 400 -26.97 -22.63 1.88
C PRO A 400 -27.29 -22.24 0.44
N GLU A 401 -27.94 -21.10 0.27
CA GLU A 401 -28.40 -20.66 -1.04
C GLU A 401 -27.63 -19.45 -1.56
N MET A 402 -26.65 -19.69 -2.43
CA MET A 402 -25.84 -18.63 -3.03
C MET A 402 -26.15 -18.45 -4.53
N ALA A 403 -26.64 -17.28 -4.91
CA ALA A 403 -26.95 -16.99 -6.32
C ALA A 403 -26.85 -15.51 -6.65
N VAL A 404 -26.21 -15.20 -7.78
CA VAL A 404 -25.97 -13.83 -8.22
C VAL A 404 -26.80 -13.46 -9.46
N GLN A 405 -27.45 -12.29 -9.42
CA GLN A 405 -28.18 -11.80 -10.58
C GLN A 405 -27.21 -11.68 -11.74
N ASP A 406 -27.63 -12.09 -12.93
CA ASP A 406 -26.81 -11.90 -14.10
C ASP A 406 -26.91 -10.44 -14.53
N VAL A 407 -25.83 -9.92 -15.12
CA VAL A 407 -25.83 -8.58 -15.72
C VAL A 407 -25.61 -8.70 -17.23
N LYS A 408 -25.93 -7.62 -17.95
CA LYS A 408 -25.79 -7.60 -19.42
C LYS A 408 -24.34 -7.68 -19.89
N HIS A 409 -24.05 -8.61 -20.80
CA HIS A 409 -22.73 -8.69 -21.43
C HIS A 409 -22.73 -8.21 -22.87
N VAL A 410 -21.62 -7.62 -23.28
CA VAL A 410 -21.46 -7.07 -24.61
C VAL A 410 -20.06 -7.43 -25.14
N THR A 411 -19.95 -7.68 -26.44
CA THR A 411 -18.64 -7.90 -27.06
C THR A 411 -18.28 -6.79 -28.04
N ILE A 412 -17.06 -6.28 -27.91
CA ILE A 412 -16.54 -5.20 -28.74
C ILE A 412 -15.25 -5.67 -29.45
N THR A 413 -14.92 -5.05 -30.60
CA THR A 413 -13.74 -5.46 -31.39
C THR A 413 -12.58 -4.49 -31.27
N GLY A 414 -11.35 -5.04 -31.27
CA GLY A 414 -10.16 -4.21 -31.19
C GLY A 414 -8.88 -4.90 -31.66
N ARG A 415 -7.83 -4.11 -31.90
CA ARG A 415 -6.59 -4.62 -32.50
C ARG A 415 -5.40 -4.71 -31.55
N LEU A 416 -5.19 -5.88 -30.96
CA LEU A 416 -4.14 -6.08 -29.97
C LEU A 416 -2.76 -5.76 -30.55
N CYS A 417 -2.04 -4.86 -29.90
CA CYS A 417 -0.69 -4.51 -30.32
C CYS A 417 0.34 -5.55 -29.88
N PRO A 418 1.38 -5.76 -30.72
CA PRO A 418 2.45 -6.72 -30.37
C PRO A 418 3.10 -6.39 -29.03
N GLN A 419 3.55 -7.40 -28.29
CA GLN A 419 4.15 -7.19 -26.98
C GLN A 419 5.36 -6.25 -27.03
N ARG A 420 5.96 -6.12 -28.21
CA ARG A 420 7.14 -5.24 -28.40
C ARG A 420 6.98 -4.20 -29.53
N GLY A 421 6.56 -4.65 -30.72
CA GLY A 421 6.47 -3.79 -31.89
C GLY A 421 5.55 -2.57 -31.75
N VAL A 440 -5.15 4.53 -33.17
CA VAL A 440 -4.03 5.37 -32.80
C VAL A 440 -4.45 6.15 -31.56
N LEU A 441 -4.14 5.70 -30.34
CA LEU A 441 -3.34 4.53 -29.98
C LEU A 441 -3.72 4.42 -28.48
N CYS A 442 -4.14 3.25 -28.00
CA CYS A 442 -4.68 3.25 -26.64
C CYS A 442 -4.77 1.92 -25.88
N SER A 443 -5.33 2.02 -24.67
CA SER A 443 -5.59 0.88 -23.78
C SER A 443 -7.02 0.34 -23.91
N VAL A 444 -7.26 -0.84 -23.32
CA VAL A 444 -8.54 -1.53 -23.44
C VAL A 444 -9.75 -0.69 -23.03
N GLU A 445 -9.63 -0.01 -21.89
CA GLU A 445 -10.74 0.80 -21.40
C GLU A 445 -10.92 2.03 -22.27
N GLU A 446 -9.79 2.60 -22.72
CA GLU A 446 -9.80 3.80 -23.58
C GLU A 446 -10.56 3.49 -24.88
N LEU A 447 -10.32 2.28 -25.38
CA LEU A 447 -11.04 1.73 -26.53
C LEU A 447 -12.54 1.65 -26.28
N ALA A 448 -12.91 0.96 -25.20
CA ALA A 448 -14.32 0.80 -24.81
C ALA A 448 -15.03 2.15 -24.75
N LEU A 449 -14.36 3.12 -24.12
CA LEU A 449 -14.89 4.48 -24.01
C LEU A 449 -15.31 5.05 -25.35
N ALA A 450 -14.46 4.85 -26.36
CA ALA A 450 -14.76 5.26 -27.72
C ALA A 450 -16.03 4.59 -28.24
N HIS A 451 -16.20 3.29 -27.97
CA HIS A 451 -17.42 2.59 -28.35
C HIS A 451 -18.65 3.22 -27.72
N TYR A 452 -18.57 3.58 -26.44
CA TYR A 452 -19.73 4.20 -25.81
C TYR A 452 -19.96 5.61 -26.32
N ARG A 453 -18.88 6.31 -26.68
CA ARG A 453 -18.98 7.63 -27.32
C ARG A 453 -19.84 7.57 -28.59
N ARG A 454 -19.55 6.59 -29.45
CA ARG A 454 -20.36 6.35 -30.65
C ARG A 454 -21.76 5.97 -30.26
N SER A 455 -21.86 5.11 -29.27
CA SER A 455 -23.13 4.56 -28.84
C SER A 455 -24.02 5.63 -28.18
N GLY A 456 -23.48 6.81 -27.92
CA GLY A 456 -24.29 7.91 -27.44
C GLY A 456 -23.85 8.57 -26.14
N PHE A 457 -22.83 7.99 -25.50
CA PHE A 457 -22.38 8.50 -24.21
C PHE A 457 -21.14 9.39 -24.35
N ASP A 458 -21.37 10.66 -24.70
CA ASP A 458 -20.30 11.61 -25.00
C ASP A 458 -19.32 11.86 -23.85
N GLN A 459 -19.84 11.73 -22.63
CA GLN A 459 -19.04 11.90 -21.44
C GLN A 459 -18.73 10.53 -20.85
N GLY A 460 -17.52 10.38 -20.33
CA GLY A 460 -17.10 9.10 -19.81
C GLY A 460 -15.86 9.26 -18.99
N ILE A 461 -15.67 8.38 -18.00
CA ILE A 461 -14.49 8.42 -17.14
C ILE A 461 -14.06 7.02 -16.76
N HIS A 462 -12.78 6.74 -16.98
CA HIS A 462 -12.19 5.52 -16.49
C HIS A 462 -11.49 5.84 -15.18
N GLY A 463 -12.24 5.80 -14.09
CA GLY A 463 -11.68 6.10 -12.79
C GLY A 463 -11.73 4.92 -11.85
N GLU A 464 -12.37 3.84 -12.29
CA GLU A 464 -12.61 2.68 -11.45
C GLU A 464 -13.38 3.11 -10.20
N GLY A 465 -12.90 2.72 -9.02
CA GLY A 465 -13.61 3.07 -7.81
C GLY A 465 -13.47 4.53 -7.42
N SER A 466 -12.38 5.16 -7.88
CA SER A 466 -12.01 6.49 -7.42
C SER A 466 -13.05 7.52 -7.80
N THR A 467 -13.68 7.34 -8.95
CA THR A 467 -14.68 8.30 -9.35
C THR A 467 -15.80 8.37 -8.29
N PHE A 468 -16.23 7.24 -7.76
CA PHE A 468 -17.26 7.26 -6.73
C PHE A 468 -16.76 7.66 -5.37
N SER A 469 -15.56 7.23 -4.99
CA SER A 469 -15.05 7.63 -3.68
C SER A 469 -14.74 9.13 -3.67
N THR A 470 -14.67 9.73 -4.84
CA THR A 470 -14.49 11.17 -4.91
C THR A 470 -15.81 11.87 -4.64
N LEU A 471 -16.87 11.44 -5.31
CA LEU A 471 -18.25 11.89 -5.05
C LEU A 471 -18.65 11.72 -3.58
N TYR A 472 -18.31 10.57 -3.04
CA TYR A 472 -18.54 10.27 -1.65
C TYR A 472 -17.89 11.32 -0.77
N GLY A 473 -16.62 11.62 -1.03
CA GLY A 473 -15.89 12.60 -0.22
C GLY A 473 -16.48 13.98 -0.34
N LEU A 474 -16.96 14.31 -1.54
CA LEU A 474 -17.64 15.57 -1.79
C LEU A 474 -19.00 15.69 -1.10
N LEU A 475 -19.74 14.59 -1.03
CA LEU A 475 -21.07 14.64 -0.43
C LEU A 475 -21.09 14.40 1.08
N LEU A 476 -20.02 13.82 1.61
CA LEU A 476 -20.01 13.41 3.01
C LEU A 476 -18.85 14.02 3.78
N TRP A 477 -18.18 15.01 3.14
CA TRP A 477 -17.02 15.68 3.73
C TRP A 477 -17.23 15.97 5.21
N ASP A 478 -18.32 16.65 5.54
CA ASP A 478 -18.61 17.08 6.90
C ASP A 478 -18.69 15.94 7.89
N ILE A 479 -19.22 14.81 7.45
CA ILE A 479 -19.37 13.66 8.30
C ILE A 479 -18.03 12.92 8.44
N ILE A 480 -17.37 12.67 7.30
CA ILE A 480 -16.03 12.10 7.28
C ILE A 480 -15.06 12.83 8.23
N PHE A 481 -15.18 14.15 8.35
CA PHE A 481 -14.27 14.92 9.19
C PHE A 481 -14.84 15.47 10.50
N MET A 482 -16.02 14.98 10.88
CA MET A 482 -16.72 15.50 12.07
C MET A 482 -15.98 15.28 13.40
N ASP A 483 -16.21 16.18 14.36
CA ASP A 483 -15.61 16.09 15.70
C ASP A 483 -16.33 15.05 16.55
N GLY A 484 -15.77 14.77 17.73
CA GLY A 484 -16.42 13.89 18.69
C GLY A 484 -16.18 12.40 18.56
N ILE A 485 -15.30 11.98 17.66
CA ILE A 485 -14.96 10.57 17.58
C ILE A 485 -13.53 10.36 18.03
N PRO A 486 -13.36 9.70 19.18
CA PRO A 486 -11.98 9.57 19.70
C PRO A 486 -11.04 8.68 18.87
N ASP A 487 -9.75 9.00 18.90
CA ASP A 487 -8.64 8.13 18.46
C ASP A 487 -8.47 8.04 16.95
N VAL A 488 -9.23 8.85 16.25
CA VAL A 488 -9.46 8.66 14.84
C VAL A 488 -8.67 9.71 14.04
N PHE A 489 -8.43 10.86 14.66
CA PHE A 489 -7.47 11.84 14.18
C PHE A 489 -6.40 12.04 15.24
N ARG A 490 -5.17 11.59 14.96
CA ARG A 490 -4.12 11.66 15.97
C ARG A 490 -2.99 12.61 15.60
N ASN A 491 -2.93 13.02 14.34
CA ASN A 491 -1.99 14.10 13.96
C ASN A 491 -2.47 15.00 12.81
N ALA A 492 -1.72 16.06 12.52
CA ALA A 492 -2.21 17.08 11.60
C ALA A 492 -2.09 16.76 10.12
N CYS A 493 -1.66 15.56 9.78
CA CYS A 493 -1.44 15.22 8.37
C CYS A 493 -2.17 13.99 7.89
N GLN A 494 -3.44 13.84 8.26
CA GLN A 494 -4.23 12.72 7.80
C GLN A 494 -5.16 13.15 6.67
N ALA A 495 -5.38 12.26 5.71
CA ALA A 495 -6.30 12.54 4.61
C ALA A 495 -7.66 11.92 4.87
N PHE A 496 -7.79 11.19 5.98
CA PHE A 496 -9.05 10.55 6.34
C PHE A 496 -9.03 10.19 7.81
N PRO A 497 -10.19 9.86 8.39
CA PRO A 497 -10.13 9.32 9.76
C PRO A 497 -9.64 7.86 9.76
N LEU A 498 -8.89 7.53 10.79
CA LEU A 498 -8.28 6.21 10.89
C LEU A 498 -9.24 5.03 10.86
N ASP A 499 -10.54 5.30 11.01
CA ASP A 499 -11.51 4.22 11.04
C ASP A 499 -12.35 4.12 9.76
N LEU A 500 -11.97 4.86 8.73
CA LEU A 500 -12.69 4.84 7.45
C LEU A 500 -13.07 3.45 6.99
N CYS A 501 -12.18 2.51 7.23
CA CYS A 501 -12.28 1.22 6.57
C CYS A 501 -12.67 0.15 7.54
N THR A 502 -13.41 0.52 8.56
CA THR A 502 -13.84 -0.47 9.54
C THR A 502 -15.29 -0.29 9.86
N ASP A 503 -15.86 -1.30 10.49
CA ASP A 503 -17.25 -1.22 10.89
C ASP A 503 -17.47 -0.08 11.86
N SER A 504 -16.38 0.34 12.50
CA SER A 504 -16.46 1.37 13.53
C SER A 504 -16.80 2.78 12.96
N PHE A 505 -16.41 3.06 11.72
CA PHE A 505 -16.74 4.32 11.07
C PHE A 505 -18.24 4.58 11.07
N PHE A 506 -19.00 3.58 10.64
CA PHE A 506 -20.44 3.74 10.53
C PHE A 506 -21.12 3.81 11.91
N THR A 507 -20.78 2.87 12.79
CA THR A 507 -21.38 2.89 14.11
C THR A 507 -21.10 4.18 14.90
N SER A 508 -19.94 4.82 14.69
CA SER A 508 -19.62 6.01 15.50
C SER A 508 -20.28 7.29 14.97
N ARG A 509 -20.94 7.17 13.82
CA ARG A 509 -21.44 8.32 13.11
C ARG A 509 -22.82 7.98 12.59
N ARG A 510 -23.44 6.96 13.20
CA ARG A 510 -24.67 6.38 12.63
C ARG A 510 -25.81 7.40 12.41
N PRO A 511 -26.21 8.16 13.46
CA PRO A 511 -27.24 9.16 13.22
C PRO A 511 -26.93 10.18 12.11
N ALA A 512 -25.74 10.76 12.07
CA ALA A 512 -25.41 11.72 11.01
C ALA A 512 -25.47 11.09 9.63
N LEU A 513 -24.93 9.87 9.52
CA LEU A 513 -24.95 9.13 8.26
C LEU A 513 -26.36 8.78 7.81
N GLU A 514 -27.18 8.30 8.75
CA GLU A 514 -28.54 7.98 8.40
C GLU A 514 -29.30 9.21 7.87
N ALA A 515 -29.20 10.32 8.58
CA ALA A 515 -29.81 11.57 8.13
C ALA A 515 -29.25 11.99 6.75
N ARG A 516 -27.92 11.97 6.62
CA ARG A 516 -27.30 12.45 5.38
C ARG A 516 -27.58 11.53 4.20
N LEU A 517 -27.52 10.22 4.41
CA LEU A 517 -27.74 9.30 3.31
C LEU A 517 -29.17 9.47 2.80
N GLN A 518 -30.08 9.81 3.72
CA GLN A 518 -31.47 10.00 3.31
C GLN A 518 -31.64 11.34 2.61
N LEU A 519 -30.97 12.37 3.12
CA LEU A 519 -30.95 13.68 2.46
C LEU A 519 -30.54 13.58 0.99
N ILE A 520 -29.54 12.75 0.73
CA ILE A 520 -29.06 12.54 -0.64
C ILE A 520 -30.06 11.76 -1.48
N HIS A 521 -30.51 10.61 -0.96
CA HIS A 521 -31.49 9.77 -1.65
C HIS A 521 -32.69 10.56 -2.17
N ASP A 522 -33.25 11.41 -1.32
CA ASP A 522 -34.48 12.13 -1.68
C ASP A 522 -34.20 13.48 -2.30
N ALA A 523 -32.93 13.75 -2.59
CA ALA A 523 -32.56 15.07 -3.10
C ALA A 523 -32.86 15.23 -4.59
N PRO A 524 -33.37 16.41 -4.97
CA PRO A 524 -33.49 16.82 -6.37
C PRO A 524 -32.10 17.12 -6.96
N GLU A 525 -31.96 16.97 -8.27
CA GLU A 525 -30.69 17.18 -8.95
C GLU A 525 -30.02 18.51 -8.58
N GLU A 526 -30.81 19.56 -8.45
CA GLU A 526 -30.30 20.90 -8.17
C GLU A 526 -29.49 20.93 -6.88
N SER A 527 -30.01 20.29 -5.84
CA SER A 527 -29.35 20.23 -4.54
C SER A 527 -28.02 19.49 -4.65
N LEU A 528 -28.03 18.38 -5.37
CA LEU A 528 -26.83 17.58 -5.52
C LEU A 528 -25.71 18.42 -6.13
N ARG A 529 -26.00 19.11 -7.24
CA ARG A 529 -25.04 20.02 -7.84
C ARG A 529 -24.55 21.07 -6.84
N ALA A 530 -25.46 21.53 -5.99
CA ALA A 530 -25.11 22.56 -5.01
C ALA A 530 -24.14 22.04 -3.95
N TRP A 531 -24.39 20.83 -3.47
CA TRP A 531 -23.56 20.22 -2.43
C TRP A 531 -22.13 19.98 -2.91
N VAL A 532 -22.01 19.37 -4.09
CA VAL A 532 -20.71 19.16 -4.70
C VAL A 532 -19.95 20.48 -4.82
N ALA A 533 -20.65 21.52 -5.25
CA ALA A 533 -20.00 22.82 -5.40
C ALA A 533 -19.53 23.38 -4.04
N ALA A 534 -20.39 23.25 -3.03
CA ALA A 534 -20.07 23.85 -1.73
C ALA A 534 -18.79 23.24 -1.17
N THR A 535 -18.66 21.92 -1.28
CA THR A 535 -17.46 21.27 -0.81
C THR A 535 -16.28 21.68 -1.67
N TRP A 536 -16.45 21.61 -2.99
CA TRP A 536 -15.39 21.95 -3.93
C TRP A 536 -14.80 23.33 -3.62
N HIS A 537 -15.66 24.32 -3.54
CA HIS A 537 -15.22 25.67 -3.24
C HIS A 537 -14.62 25.80 -1.84
N GLU A 538 -15.23 25.17 -0.83
CA GLU A 538 -14.71 25.24 0.55
C GLU A 538 -13.32 24.61 0.69
N GLN A 539 -13.04 23.57 -0.10
CA GLN A 539 -11.75 22.88 -0.02
C GLN A 539 -10.87 23.26 -1.20
N GLU A 540 -11.21 24.40 -1.82
CA GLU A 540 -10.42 25.05 -2.88
C GLU A 540 -9.89 24.10 -3.97
N GLY A 541 -10.64 23.03 -4.24
CA GLY A 541 -10.17 21.99 -5.14
C GLY A 541 -8.77 21.50 -4.79
N ARG A 542 -8.41 21.54 -3.50
CA ARG A 542 -7.02 21.35 -3.14
C ARG A 542 -6.74 20.41 -1.99
N VAL A 543 -7.49 20.51 -0.88
CA VAL A 543 -7.06 19.85 0.35
C VAL A 543 -6.92 18.33 0.19
N ALA A 544 -5.83 17.80 0.72
CA ALA A 544 -5.44 16.42 0.52
C ALA A 544 -6.24 15.40 1.29
N SER A 545 -7.05 14.60 0.57
CA SER A 545 -8.04 13.75 1.19
C SER A 545 -8.48 12.59 0.31
N LEU A 546 -9.66 12.10 0.65
CA LEU A 546 -10.36 11.00 -0.02
C LEU A 546 -10.74 11.35 -1.44
N VAL A 547 -10.68 12.65 -1.75
CA VAL A 547 -11.17 13.23 -2.99
C VAL A 547 -10.03 13.38 -3.98
N SER A 548 -10.18 12.80 -5.17
CA SER A 548 -9.20 13.04 -6.24
C SER A 548 -9.62 14.21 -7.10
N TRP A 549 -9.02 15.37 -6.83
CA TRP A 549 -9.43 16.61 -7.46
C TRP A 549 -9.23 16.65 -8.97
N ASP A 550 -8.42 15.73 -9.49
CA ASP A 550 -8.19 15.69 -10.94
C ASP A 550 -8.98 14.58 -11.63
N ARG A 551 -9.72 13.81 -10.85
CA ARG A 551 -10.55 12.75 -11.39
C ARG A 551 -11.54 13.35 -12.37
N PHE A 552 -11.99 14.56 -12.06
CA PHE A 552 -12.88 15.32 -12.93
C PHE A 552 -12.16 16.47 -13.64
N THR A 553 -12.61 16.76 -14.86
CA THR A 553 -12.12 17.87 -15.68
C THR A 553 -12.34 19.20 -14.96
N SER A 554 -13.52 19.34 -14.37
CA SER A 554 -13.97 20.56 -13.75
C SER A 554 -15.05 20.24 -12.73
N LEU A 555 -15.29 21.16 -11.80
CA LEU A 555 -16.44 21.06 -10.90
C LEU A 555 -17.72 20.88 -11.71
N GLN A 556 -17.75 21.50 -12.89
CA GLN A 556 -18.91 21.41 -13.76
C GLN A 556 -19.20 19.97 -14.24
N GLN A 557 -18.15 19.21 -14.55
CA GLN A 557 -18.31 17.81 -14.97
C GLN A 557 -18.80 16.94 -13.81
N ALA A 558 -18.25 17.18 -12.62
CA ALA A 558 -18.66 16.48 -11.41
C ALA A 558 -20.14 16.71 -11.15
N GLN A 559 -20.57 17.96 -11.37
CA GLN A 559 -21.95 18.31 -11.18
C GLN A 559 -22.87 17.66 -12.20
N ASP A 560 -22.35 17.35 -13.37
CA ASP A 560 -23.18 16.76 -14.41
C ASP A 560 -23.42 15.30 -14.11
N LEU A 561 -22.34 14.63 -13.68
CA LEU A 561 -22.38 13.21 -13.38
C LEU A 561 -23.40 12.99 -12.29
N VAL A 562 -23.38 13.92 -11.34
CA VAL A 562 -24.19 13.78 -10.16
C VAL A 562 -25.65 14.00 -10.53
N SER A 563 -25.89 14.81 -11.57
CA SER A 563 -27.25 15.05 -12.03
C SER A 563 -27.81 13.90 -12.84
N CYS A 564 -26.93 12.97 -13.23
CA CYS A 564 -27.35 11.83 -14.03
C CYS A 564 -27.63 10.62 -13.16
N LEU A 565 -26.73 10.41 -12.20
CA LEU A 565 -26.82 9.31 -11.26
C LEU A 565 -28.08 9.45 -10.42
N GLY A 566 -28.33 10.67 -9.97
CA GLY A 566 -29.50 10.96 -9.16
C GLY A 566 -29.34 10.56 -7.71
N GLY A 567 -30.24 11.07 -6.88
CA GLY A 567 -30.21 10.81 -5.45
C GLY A 567 -30.06 9.36 -5.05
N PRO A 568 -31.05 8.50 -5.42
CA PRO A 568 -31.06 7.12 -4.94
C PRO A 568 -29.76 6.35 -5.20
N VAL A 569 -29.23 6.41 -6.42
CA VAL A 569 -28.04 5.64 -6.75
C VAL A 569 -26.83 6.10 -5.93
N LEU A 570 -26.58 7.41 -5.93
CA LEU A 570 -25.53 8.00 -5.11
C LEU A 570 -25.64 7.64 -3.63
N SER A 571 -26.85 7.56 -3.12
CA SER A 571 -27.05 7.27 -1.71
C SER A 571 -26.67 5.84 -1.44
N GLY A 572 -27.12 4.95 -2.33
CA GLY A 572 -26.79 3.54 -2.20
C GLY A 572 -25.28 3.30 -2.24
N VAL A 573 -24.59 3.93 -3.19
CA VAL A 573 -23.16 3.79 -3.28
C VAL A 573 -22.48 4.41 -2.05
N CYS A 574 -22.90 5.60 -1.67
CA CYS A 574 -22.35 6.25 -0.48
C CYS A 574 -22.59 5.40 0.77
N ARG A 575 -23.75 4.76 0.86
CA ARG A 575 -24.00 3.87 1.98
C ARG A 575 -23.03 2.70 1.97
N HIS A 576 -22.81 2.13 0.79
CA HIS A 576 -21.84 1.06 0.67
C HIS A 576 -20.42 1.52 1.05
N LEU A 577 -20.00 2.66 0.53
CA LEU A 577 -18.67 3.18 0.85
C LEU A 577 -18.49 3.42 2.34
N ALA A 578 -19.55 3.83 3.03
CA ALA A 578 -19.41 4.09 4.46
C ALA A 578 -19.47 2.80 5.27
N ALA A 579 -20.20 1.81 4.74
CA ALA A 579 -20.36 0.54 5.44
C ALA A 579 -19.13 -0.36 5.25
N ASP A 580 -18.49 -0.31 4.08
CA ASP A 580 -17.34 -1.15 3.79
C ASP A 580 -16.47 -0.56 2.68
N PHE A 581 -15.72 0.49 3.01
CA PHE A 581 -15.01 1.31 2.04
C PHE A 581 -14.01 0.56 1.19
N ARG A 582 -13.08 -0.13 1.82
CA ARG A 582 -11.95 -0.71 1.09
C ARG A 582 -12.47 -1.76 0.10
N HIS A 583 -13.58 -2.40 0.45
CA HIS A 583 -14.07 -3.50 -0.37
C HIS A 583 -15.09 -3.08 -1.41
N CYS A 584 -15.91 -2.11 -1.08
CA CYS A 584 -16.78 -1.51 -2.07
C CYS A 584 -15.96 -0.84 -3.18
N ARG A 585 -14.90 -0.13 -2.80
CA ARG A 585 -14.15 0.64 -3.76
C ARG A 585 -13.52 -0.27 -4.80
N GLY A 586 -12.87 -1.33 -4.34
CA GLY A 586 -12.26 -2.31 -5.24
C GLY A 586 -13.20 -2.95 -6.23
N GLY A 587 -14.45 -3.14 -5.82
CA GLY A 587 -15.43 -3.86 -6.61
C GLY A 587 -16.20 -3.01 -7.58
N LEU A 588 -16.13 -1.68 -7.44
CA LEU A 588 -16.76 -0.78 -8.39
C LEU A 588 -16.10 -0.96 -9.75
N PRO A 589 -16.90 -0.92 -10.83
CA PRO A 589 -16.48 -1.22 -12.20
C PRO A 589 -15.57 -0.14 -12.78
N ASP A 590 -15.01 -0.42 -13.96
CA ASP A 590 -14.01 0.44 -14.61
C ASP A 590 -14.49 1.84 -15.00
N LEU A 591 -15.60 1.93 -15.73
CA LEU A 591 -16.05 3.23 -16.25
C LEU A 591 -17.43 3.67 -15.81
N VAL A 592 -17.66 4.97 -15.92
CA VAL A 592 -18.99 5.53 -15.84
C VAL A 592 -19.14 6.34 -17.09
N VAL A 593 -20.13 6.03 -17.90
CA VAL A 593 -20.34 6.77 -19.12
C VAL A 593 -21.73 7.38 -19.07
N TRP A 594 -21.92 8.53 -19.71
CA TRP A 594 -23.25 9.16 -19.72
C TRP A 594 -23.53 10.05 -20.91
N ASN A 595 -24.81 10.13 -21.27
CA ASN A 595 -25.29 10.99 -22.34
C ASN A 595 -25.77 12.32 -21.80
N SER A 596 -25.17 13.41 -22.27
CA SER A 596 -25.39 14.73 -21.67
C SER A 596 -26.80 15.31 -21.79
N GLN A 597 -27.59 14.81 -22.73
CA GLN A 597 -28.92 15.37 -22.95
C GLN A 597 -30.06 14.55 -22.32
N SER A 598 -29.99 13.23 -22.42
CA SER A 598 -31.00 12.35 -21.85
C SER A 598 -30.75 12.05 -20.37
N ARG A 599 -29.57 12.44 -19.89
CA ARG A 599 -29.11 12.21 -18.53
C ARG A 599 -29.00 10.72 -18.17
N HIS A 600 -28.91 9.86 -19.19
CA HIS A 600 -28.78 8.43 -18.96
C HIS A 600 -27.32 8.05 -18.78
N PHE A 601 -27.06 7.00 -18.02
CA PHE A 601 -25.69 6.61 -17.73
C PHE A 601 -25.61 5.10 -17.61
N LYS A 602 -24.39 4.60 -17.73
CA LYS A 602 -24.12 3.18 -17.66
C LYS A 602 -22.83 3.00 -16.89
N LEU A 603 -22.81 2.04 -15.98
CA LEU A 603 -21.58 1.65 -15.30
C LEU A 603 -21.07 0.46 -16.07
N VAL A 604 -19.79 0.48 -16.45
CA VAL A 604 -19.29 -0.57 -17.35
C VAL A 604 -17.98 -1.18 -16.88
N GLU A 605 -17.94 -2.50 -16.77
CA GLU A 605 -16.66 -3.18 -16.54
C GLU A 605 -16.07 -3.58 -17.87
N VAL A 606 -14.77 -3.32 -18.04
CA VAL A 606 -14.07 -3.73 -19.25
C VAL A 606 -13.23 -4.98 -18.98
N LYS A 607 -13.37 -5.97 -19.87
CA LYS A 607 -12.58 -7.20 -19.82
C LYS A 607 -11.87 -7.43 -21.15
N GLY A 608 -10.54 -7.43 -21.12
CA GLY A 608 -9.76 -7.74 -22.30
C GLY A 608 -9.79 -9.23 -22.61
N PRO A 609 -9.07 -9.64 -23.67
CA PRO A 609 -9.00 -11.05 -24.05
C PRO A 609 -8.41 -11.85 -22.91
N ASN A 610 -9.03 -13.00 -22.62
CA ASN A 610 -8.63 -13.85 -21.49
C ASN A 610 -8.61 -13.12 -20.13
N ASP A 611 -9.44 -12.08 -20.00
CA ASP A 611 -9.66 -11.48 -18.70
C ASP A 611 -11.05 -11.88 -18.22
N ARG A 612 -11.13 -12.20 -16.94
CA ARG A 612 -12.30 -12.85 -16.37
C ARG A 612 -12.90 -12.01 -15.26
N LEU A 613 -14.22 -11.89 -15.28
CA LEU A 613 -14.95 -11.33 -14.16
C LEU A 613 -14.71 -12.17 -12.90
N SER A 614 -14.11 -11.57 -11.87
CA SER A 614 -13.90 -12.26 -10.60
C SER A 614 -15.22 -12.42 -9.86
N HIS A 615 -15.25 -13.19 -8.78
CA HIS A 615 -16.48 -13.36 -8.02
C HIS A 615 -16.90 -12.02 -7.40
N LYS A 616 -15.93 -11.37 -6.77
CA LYS A 616 -16.11 -10.07 -6.17
C LYS A 616 -16.78 -9.07 -7.11
N GLN A 617 -16.37 -9.05 -8.36
CA GLN A 617 -16.92 -8.08 -9.30
C GLN A 617 -18.37 -8.41 -9.64
N MET A 618 -18.66 -9.70 -9.82
CA MET A 618 -20.01 -10.15 -10.17
C MET A 618 -21.01 -9.64 -9.13
N ILE A 619 -20.66 -9.85 -7.87
CA ILE A 619 -21.43 -9.35 -6.74
C ILE A 619 -21.69 -7.83 -6.78
N TRP A 620 -20.64 -7.04 -7.02
CA TRP A 620 -20.80 -5.58 -6.98
C TRP A 620 -21.57 -5.03 -8.17
N LEU A 621 -21.49 -5.72 -9.29
CA LEU A 621 -22.25 -5.30 -10.47
C LEU A 621 -23.72 -5.55 -10.18
N ALA A 622 -23.96 -6.66 -9.49
CA ALA A 622 -25.32 -7.02 -9.07
C ALA A 622 -25.86 -6.00 -8.08
N GLU A 623 -25.06 -5.65 -7.07
CA GLU A 623 -25.44 -4.60 -6.12
C GLU A 623 -25.74 -3.26 -6.79
N LEU A 624 -24.96 -2.88 -7.81
CA LEU A 624 -25.22 -1.62 -8.47
C LEU A 624 -26.52 -1.70 -9.25
N GLN A 625 -26.76 -2.84 -9.87
CA GLN A 625 -27.98 -3.06 -10.65
C GLN A 625 -29.20 -3.02 -9.76
N LYS A 626 -29.07 -3.66 -8.60
CA LYS A 626 -30.06 -3.62 -7.52
C LYS A 626 -30.41 -2.17 -7.11
N LEU A 627 -29.44 -1.26 -7.15
CA LEU A 627 -29.71 0.13 -6.79
C LEU A 627 -30.39 0.90 -7.91
N GLY A 628 -30.56 0.25 -9.06
CA GLY A 628 -31.20 0.89 -10.20
C GLY A 628 -30.26 1.48 -11.24
N ALA A 629 -29.00 1.06 -11.22
CA ALA A 629 -28.04 1.54 -12.20
C ALA A 629 -27.94 0.56 -13.35
N GLU A 630 -27.88 1.06 -14.59
CA GLU A 630 -27.62 0.17 -15.74
C GLU A 630 -26.17 -0.28 -15.76
N VAL A 631 -25.97 -1.59 -15.75
CA VAL A 631 -24.64 -2.12 -15.60
C VAL A 631 -24.34 -3.10 -16.72
N GLU A 632 -23.10 -3.13 -17.19
CA GLU A 632 -22.74 -3.87 -18.41
C GLU A 632 -21.31 -4.36 -18.34
N VAL A 633 -21.07 -5.61 -18.74
CA VAL A 633 -19.71 -6.06 -18.97
C VAL A 633 -19.37 -5.88 -20.45
N CYS A 634 -18.25 -5.22 -20.72
CA CYS A 634 -17.83 -4.94 -22.09
C CYS A 634 -16.59 -5.75 -22.45
N HIS A 635 -16.83 -6.85 -23.17
CA HIS A 635 -15.75 -7.72 -23.59
C HIS A 635 -15.06 -7.17 -24.82
N VAL A 636 -13.73 -7.27 -24.85
CA VAL A 636 -12.98 -6.93 -26.04
C VAL A 636 -12.38 -8.15 -26.72
N VAL A 637 -12.79 -8.35 -27.97
CA VAL A 637 -12.23 -9.40 -28.82
C VAL A 637 -11.10 -8.88 -29.73
N ALA A 638 -9.93 -9.51 -29.59
CA ALA A 638 -8.74 -9.19 -30.40
C ALA A 638 -8.94 -9.62 -31.84
N VAL A 639 -8.91 -8.63 -32.74
CA VAL A 639 -9.29 -8.85 -34.12
C VAL A 639 -8.18 -8.34 -35.05
N GLY A 640 -8.23 -8.73 -36.32
CA GLY A 640 -7.21 -8.32 -37.28
C GLY A 640 -7.55 -7.02 -38.01
N GLY A 641 -6.56 -6.43 -38.67
CA GLY A 641 -6.73 -5.07 -39.18
C GLY A 641 -6.47 -4.75 -40.64
N SER A 642 -5.37 -5.24 -41.17
CA SER A 642 -5.02 -4.98 -42.59
C SER A 642 -4.69 -3.53 -43.02
N GLU A 643 -4.25 -2.66 -42.11
CA GLU A 643 -3.96 -1.28 -42.51
C GLU A 643 -2.96 -0.53 -41.66
N ASN A 644 -2.33 -1.19 -40.71
CA ASN A 644 -1.26 -0.53 -39.96
C ASN A 644 -0.44 -1.52 -39.13
N LEU A 645 0.78 -1.83 -39.57
CA LEU A 645 1.65 -2.74 -38.82
C LEU A 645 2.96 -2.14 -38.28
N TYR A 646 3.83 -2.98 -37.74
CA TYR A 646 4.99 -2.49 -36.98
C TYR A 646 6.19 -3.44 -37.04
PT PT B . 9.94 -4.24 -7.01
#